data_6I5W
#
_entry.id   6I5W
#
_cell.length_a   53.520
_cell.length_b   73.250
_cell.length_c   103.610
_cell.angle_alpha   90.000
_cell.angle_beta   90.000
_cell.angle_gamma   90.000
#
_symmetry.space_group_name_H-M   'P 21 21 21'
#
loop_
_entity.id
_entity.type
_entity.pdbx_description
1 polymer 'Solute Binding Protein BlMnBP1, Blac_00780 in complex with mannopentaose'
2 branched beta-D-mannopyranose-(1-4)-beta-D-mannopyranose-(1-4)-beta-D-mannopyranose-(1-4)-beta-D-mannopyranose-(1-4)-beta-D-mannopyranose
3 non-polymer 'ACETATE ION'
4 non-polymer 'ZINC ION'
5 water water
#
_entity_poly.entity_id   1
_entity_poly.type   'polypeptide(L)'
_entity_poly.pdbx_seq_one_letter_code
;GNKTGITYPEIKLGETGKDIKTTITFMNNRTDMNLDTYPGKNWKSYIEDFNKMYPNITVKVQTDSNYADSALTRLQANND
SWDIMMIPAVDKSEFSNYFVPYGETSEMEKVIKLADEKAYDGQTYGIANNGVTAGIVYNKKVFEEAGIKELPKTPEEFQA
DLKLIKEKTKAVPLYTNFVEDWAMGAWDQYIAGNATGDPKFMNQVLPTTKEPFKKDASAPDTHPYAVYKTLYDAVANGYT
EEDYSTTDWESSKGKMNNGEIATMVLGAWAVPQMKQAGDHPDDIGYMPFPITVDGKQYATIAGDYSYGINKNISKEKQEA
SMIFVKWMTEDSGFAKNEGGIPIKADDESMPETYETFSDVELITDAPAKEGQEDLLANVNSDSELGINNGNGKKIQDIVV
DAANRTRTIDQIMDEWNQKWAKAVEDN
;
_entity_poly.pdbx_strand_id   A
#
# COMPACT_ATOMS: atom_id res chain seq x y z
N GLY A 1 -25.30 2.65 6.19
CA GLY A 1 -26.46 3.37 5.70
C GLY A 1 -26.18 3.97 4.34
N ASN A 2 -26.81 3.42 3.29
CA ASN A 2 -26.83 4.04 1.97
C ASN A 2 -28.12 4.85 1.87
N LYS A 3 -28.03 6.17 2.14
CA LYS A 3 -29.20 7.05 2.12
C LYS A 3 -29.60 7.52 0.72
N THR A 4 -28.80 7.21 -0.31
CA THR A 4 -29.07 7.75 -1.63
C THR A 4 -29.95 6.83 -2.48
N GLY A 5 -30.17 5.60 -2.06
CA GLY A 5 -30.93 4.65 -2.86
C GLY A 5 -30.39 4.37 -4.24
N ILE A 6 -29.21 4.88 -4.55
CA ILE A 6 -28.52 4.57 -5.80
C ILE A 6 -27.18 3.97 -5.44
N THR A 7 -26.75 2.98 -6.22
CA THR A 7 -25.46 2.35 -6.02
C THR A 7 -24.49 2.86 -7.08
N TYR A 8 -23.20 2.69 -6.80
CA TYR A 8 -22.17 3.08 -7.75
C TYR A 8 -22.41 2.57 -9.16
N PRO A 9 -22.64 1.27 -9.40
CA PRO A 9 -22.83 0.82 -10.80
C PRO A 9 -23.91 1.57 -11.54
N GLU A 10 -24.91 2.12 -10.83
CA GLU A 10 -26.00 2.82 -11.46
C GLU A 10 -25.66 4.26 -11.81
N ILE A 11 -24.59 4.82 -11.27
CA ILE A 11 -24.30 6.22 -11.54
C ILE A 11 -23.83 6.34 -12.97
N LYS A 12 -24.43 7.24 -13.72
CA LYS A 12 -24.02 7.50 -15.09
C LYS A 12 -23.41 8.89 -15.10
N LEU A 13 -22.09 8.97 -15.22
CA LEU A 13 -21.40 10.25 -15.04
C LEU A 13 -21.85 11.25 -16.11
N GLY A 14 -22.11 12.48 -15.66
CA GLY A 14 -22.67 13.52 -16.47
C GLY A 14 -24.18 13.66 -16.38
N GLU A 15 -24.90 12.60 -16.03
CA GLU A 15 -26.36 12.67 -15.95
C GLU A 15 -26.91 11.88 -14.77
N THR A 16 -26.11 11.71 -13.72
CA THR A 16 -26.58 11.39 -12.38
C THR A 16 -26.07 12.51 -11.48
N GLY A 17 -26.98 13.14 -10.74
CA GLY A 17 -26.55 14.16 -9.80
C GLY A 17 -26.14 15.46 -10.42
N LYS A 18 -26.37 15.64 -11.72
CA LYS A 18 -26.13 16.94 -12.34
C LYS A 18 -26.94 18.07 -11.68
N ASP A 19 -28.06 17.74 -11.00
CA ASP A 19 -28.82 18.78 -10.31
C ASP A 19 -28.12 19.30 -9.05
N ILE A 20 -27.11 18.59 -8.54
CA ILE A 20 -26.61 18.83 -7.19
C ILE A 20 -25.76 20.09 -7.15
N LYS A 21 -25.94 20.87 -6.09
CA LYS A 21 -24.99 21.90 -5.68
C LYS A 21 -24.74 21.64 -4.21
N THR A 22 -23.52 21.23 -3.88
CA THR A 22 -23.10 21.10 -2.49
C THR A 22 -21.57 21.22 -2.42
N THR A 23 -21.07 21.18 -1.19
CA THR A 23 -19.65 21.19 -0.93
C THR A 23 -19.29 19.93 -0.16
N ILE A 24 -18.36 19.15 -0.70
CA ILE A 24 -17.92 17.94 -0.02
C ILE A 24 -16.44 18.11 0.36
N THR A 25 -16.08 17.44 1.43
CA THR A 25 -14.73 17.50 1.98
C THR A 25 -14.06 16.15 1.81
N PHE A 26 -12.90 16.18 1.18
CA PHE A 26 -12.11 15.00 0.81
C PHE A 26 -10.86 15.02 1.67
N MET A 27 -10.78 14.09 2.62
CA MET A 27 -9.54 13.86 3.34
C MET A 27 -8.71 12.79 2.63
N ASN A 28 -7.40 13.05 2.50
CA ASN A 28 -6.47 12.03 2.01
C ASN A 28 -5.02 12.24 2.50
N ASN A 29 -4.18 11.26 2.20
CA ASN A 29 -2.81 11.22 2.65
C ASN A 29 -1.83 11.88 1.70
N ARG A 30 -2.28 12.36 0.55
CA ARG A 30 -1.34 12.89 -0.44
C ARG A 30 -1.14 14.39 -0.21
N THR A 31 -0.56 14.71 0.95
CA THR A 31 -0.12 16.07 1.21
C THR A 31 0.65 16.66 0.03
N ASP A 32 1.55 15.87 -0.62
CA ASP A 32 2.30 16.42 -1.74
C ASP A 32 1.39 16.93 -2.85
N MET A 33 0.25 16.29 -3.06
CA MET A 33 -0.66 16.72 -4.11
C MET A 33 -1.51 17.90 -3.70
N ASN A 34 -1.50 18.30 -2.44
CA ASN A 34 -2.29 19.42 -1.99
C ASN A 34 -1.53 20.74 -2.10
N LEU A 35 -0.43 20.77 -2.85
CA LEU A 35 0.35 21.99 -3.04
C LEU A 35 0.45 22.27 -4.53
N ASP A 36 0.58 23.56 -4.87
CA ASP A 36 0.66 23.96 -6.27
C ASP A 36 1.99 23.60 -6.92
N THR A 37 3.02 23.39 -6.11
CA THR A 37 4.33 23.02 -6.63
C THR A 37 4.43 21.56 -7.05
N TYR A 38 3.45 20.74 -6.69
CA TYR A 38 3.51 19.32 -6.99
C TYR A 38 3.95 19.13 -8.45
N PRO A 39 4.94 18.28 -8.71
CA PRO A 39 5.42 18.14 -10.09
C PRO A 39 4.39 17.60 -11.05
N GLY A 40 3.57 16.67 -10.62
CA GLY A 40 2.52 16.11 -11.45
C GLY A 40 1.21 16.84 -11.31
N LYS A 41 0.13 16.17 -11.71
CA LYS A 41 -1.23 16.70 -11.63
C LYS A 41 -1.68 16.69 -10.18
N ASN A 42 -1.89 17.87 -9.60
CA ASN A 42 -2.22 17.99 -8.19
C ASN A 42 -3.73 17.89 -8.01
N TRP A 43 -4.20 18.08 -6.77
CA TRP A 43 -5.61 17.89 -6.45
C TRP A 43 -6.47 18.97 -7.09
N LYS A 44 -6.09 20.24 -6.94
CA LYS A 44 -6.81 21.34 -7.56
C LYS A 44 -7.05 21.02 -9.02
N SER A 45 -6.05 20.46 -9.70
CA SER A 45 -6.16 20.19 -11.12
C SER A 45 -7.14 19.06 -11.40
N TYR A 46 -7.14 18.00 -10.59
CA TYR A 46 -8.13 16.95 -10.81
C TYR A 46 -9.54 17.51 -10.65
N ILE A 47 -9.73 18.38 -9.66
CA ILE A 47 -11.05 18.87 -9.28
C ILE A 47 -11.57 19.85 -10.32
N GLU A 48 -10.70 20.74 -10.80
CA GLU A 48 -11.06 21.61 -11.91
C GLU A 48 -11.61 20.79 -13.07
N ASP A 49 -10.92 19.71 -13.44
CA ASP A 49 -11.43 18.85 -14.49
C ASP A 49 -12.74 18.17 -14.07
N PHE A 50 -12.90 17.88 -12.78
CA PHE A 50 -14.16 17.35 -12.30
C PHE A 50 -15.29 18.37 -12.43
N ASN A 51 -15.02 19.60 -11.97
CA ASN A 51 -15.97 20.70 -12.01
C ASN A 51 -16.28 21.14 -13.45
N LYS A 52 -15.67 20.51 -14.44
CA LYS A 52 -16.06 20.70 -15.83
C LYS A 52 -17.18 19.77 -16.24
N MET A 53 -17.49 18.72 -15.46
CA MET A 53 -18.78 18.08 -15.65
C MET A 53 -19.69 18.12 -14.42
N TYR A 54 -19.20 18.56 -13.27
CA TYR A 54 -20.05 18.82 -12.10
C TYR A 54 -19.63 20.13 -11.48
N PRO A 55 -19.78 21.23 -12.25
CA PRO A 55 -19.34 22.54 -11.77
C PRO A 55 -20.00 22.98 -10.50
N ASN A 56 -21.10 22.35 -10.10
CA ASN A 56 -21.77 22.76 -8.87
C ASN A 56 -21.37 21.93 -7.66
N ILE A 57 -20.47 20.97 -7.81
CA ILE A 57 -20.03 20.20 -6.66
C ILE A 57 -18.62 20.68 -6.31
N THR A 58 -18.51 21.41 -5.20
CA THR A 58 -17.23 21.89 -4.72
C THR A 58 -16.54 20.81 -3.91
N VAL A 59 -15.26 20.65 -4.13
CA VAL A 59 -14.48 19.65 -3.42
C VAL A 59 -13.39 20.40 -2.69
N LYS A 60 -13.47 20.40 -1.37
CA LYS A 60 -12.42 20.90 -0.49
C LYS A 60 -11.56 19.69 -0.13
N VAL A 61 -10.24 19.83 -0.24
CA VAL A 61 -9.34 18.70 0.02
C VAL A 61 -8.55 19.02 1.28
N GLN A 62 -8.69 18.20 2.32
CA GLN A 62 -7.80 18.25 3.47
C GLN A 62 -6.79 17.11 3.37
N THR A 63 -5.52 17.38 3.71
CA THR A 63 -4.48 16.36 3.80
C THR A 63 -3.71 16.51 5.11
N ASP A 64 -3.32 15.38 5.69
CA ASP A 64 -2.56 15.36 6.94
C ASP A 64 -1.35 14.46 6.75
N SER A 65 -0.20 14.87 7.26
CA SER A 65 0.89 13.93 7.46
C SER A 65 0.62 13.10 8.70
N ASN A 66 1.13 11.90 8.72
CA ASN A 66 0.66 10.92 9.69
C ASN A 66 -0.84 10.75 9.48
N TYR A 67 -1.18 10.44 8.23
CA TYR A 67 -2.57 10.29 7.84
C TYR A 67 -3.21 9.11 8.53
N ALA A 68 -2.49 8.00 8.63
CA ALA A 68 -3.03 6.81 9.29
C ALA A 68 -3.59 7.13 10.68
N ASP A 69 -2.87 7.93 11.47
CA ASP A 69 -3.37 8.28 12.80
C ASP A 69 -4.43 9.39 12.75
N SER A 70 -4.32 10.36 11.82
CA SER A 70 -5.27 11.46 11.81
C SER A 70 -6.64 11.03 11.27
N ALA A 71 -6.67 10.17 10.24
CA ALA A 71 -7.96 9.74 9.71
C ALA A 71 -8.68 8.83 10.68
N LEU A 72 -7.93 8.02 11.41
CA LEU A 72 -8.55 7.16 12.41
C LEU A 72 -9.17 7.98 13.53
N THR A 73 -8.50 9.06 13.94
CA THR A 73 -9.09 9.92 14.95
C THR A 73 -10.38 10.55 14.45
N ARG A 74 -10.37 11.18 13.28
CA ARG A 74 -11.58 11.78 12.76
C ARG A 74 -12.68 10.75 12.67
N LEU A 75 -12.35 9.56 12.20
CA LEU A 75 -13.38 8.56 11.98
C LEU A 75 -14.09 8.22 13.27
N GLN A 76 -13.35 8.17 14.38
CA GLN A 76 -13.95 7.78 15.65
C GLN A 76 -14.74 8.90 16.29
N ALA A 77 -14.52 10.15 15.89
CA ALA A 77 -15.40 11.24 16.29
C ALA A 77 -16.81 11.03 15.77
N ASN A 78 -16.97 10.22 14.72
CA ASN A 78 -18.27 9.78 14.26
C ASN A 78 -19.23 10.96 14.08
N ASN A 79 -18.82 11.91 13.25
CA ASN A 79 -19.62 13.07 12.95
C ASN A 79 -19.69 13.23 11.43
N ASP A 80 -20.08 14.44 10.96
CA ASP A 80 -20.25 14.70 9.53
C ASP A 80 -19.25 15.74 9.03
N SER A 81 -18.15 15.92 9.76
CA SER A 81 -17.08 16.85 9.41
C SER A 81 -16.28 16.46 8.18
N TRP A 82 -16.54 15.30 7.61
CA TRP A 82 -15.86 14.88 6.39
C TRP A 82 -16.84 14.06 5.57
N ASP A 83 -16.66 14.11 4.26
CA ASP A 83 -17.52 13.39 3.33
C ASP A 83 -16.84 12.18 2.73
N ILE A 84 -15.64 12.35 2.21
CA ILE A 84 -14.84 11.23 1.74
C ILE A 84 -13.53 11.23 2.51
N MET A 85 -13.11 10.05 2.91
CA MET A 85 -11.74 9.84 3.36
C MET A 85 -11.17 8.57 2.70
N MET A 86 -9.85 8.55 2.58
CA MET A 86 -9.13 7.30 2.35
C MET A 86 -9.26 6.43 3.59
N ILE A 87 -9.66 5.17 3.41
CA ILE A 87 -10.03 4.34 4.55
C ILE A 87 -8.78 3.92 5.34
N PRO A 88 -8.76 4.23 6.66
CA PRO A 88 -7.60 3.85 7.49
C PRO A 88 -7.74 2.43 8.02
N ALA A 89 -6.89 2.03 8.93
CA ALA A 89 -6.80 0.62 9.30
C ALA A 89 -7.89 0.28 10.30
N VAL A 90 -9.09 0.04 9.81
CA VAL A 90 -10.19 -0.40 10.66
C VAL A 90 -10.60 -1.80 10.24
N ASP A 91 -10.97 -2.63 11.22
CA ASP A 91 -11.36 -4.00 10.94
C ASP A 91 -12.48 -3.97 9.91
N LYS A 92 -12.49 -4.98 9.03
CA LYS A 92 -13.49 -5.05 7.98
C LYS A 92 -14.91 -5.05 8.55
N SER A 93 -15.08 -5.43 9.81
CA SER A 93 -16.41 -5.61 10.41
C SER A 93 -17.05 -4.31 10.87
N GLU A 94 -16.26 -3.26 11.05
CA GLU A 94 -16.75 -1.97 11.51
C GLU A 94 -17.09 -1.05 10.34
N PHE A 95 -16.67 -1.39 9.12
CA PHE A 95 -16.96 -0.56 7.96
C PHE A 95 -18.36 0.00 7.96
N SER A 96 -19.37 -0.85 8.25
CA SER A 96 -20.78 -0.44 8.20
C SER A 96 -21.12 0.59 9.26
N ASN A 97 -20.36 0.60 10.34
CA ASN A 97 -20.49 1.63 11.34
C ASN A 97 -20.02 2.99 10.86
N TYR A 98 -19.22 3.07 9.79
CA TYR A 98 -18.72 4.37 9.40
C TYR A 98 -18.91 4.75 7.95
N PHE A 99 -19.20 3.81 7.06
CA PHE A 99 -19.08 4.07 5.63
C PHE A 99 -20.31 3.67 4.86
N VAL A 100 -20.57 4.41 3.79
CA VAL A 100 -21.67 4.08 2.87
C VAL A 100 -21.31 2.85 2.07
N PRO A 101 -22.23 1.91 1.85
CA PRO A 101 -21.96 0.83 0.89
C PRO A 101 -22.15 1.35 -0.53
N TYR A 102 -21.11 1.17 -1.36
CA TYR A 102 -21.21 1.54 -2.77
C TYR A 102 -22.19 0.64 -3.52
N GLY A 103 -22.41 -0.54 -3.00
CA GLY A 103 -23.19 -1.56 -3.68
C GLY A 103 -22.70 -2.93 -3.25
N GLU A 104 -23.36 -3.95 -3.78
CA GLU A 104 -23.06 -5.33 -3.42
C GLU A 104 -21.86 -5.79 -4.25
N THR A 105 -20.96 -6.53 -3.60
CA THR A 105 -19.66 -6.82 -4.21
C THR A 105 -19.83 -7.53 -5.55
N SER A 106 -20.75 -8.51 -5.60
CA SER A 106 -20.98 -9.24 -6.85
C SER A 106 -21.41 -8.31 -7.97
N GLU A 107 -22.07 -7.21 -7.63
CA GLU A 107 -22.37 -6.16 -8.61
C GLU A 107 -21.19 -5.22 -8.82
N MET A 108 -20.49 -4.85 -7.75
CA MET A 108 -19.29 -4.04 -7.90
C MET A 108 -18.21 -4.79 -8.68
N GLU A 109 -18.17 -6.11 -8.58
CA GLU A 109 -17.20 -6.89 -9.31
C GLU A 109 -17.34 -6.72 -10.82
N LYS A 110 -18.42 -6.16 -11.29
CA LYS A 110 -18.61 -5.97 -12.73
C LYS A 110 -18.01 -4.66 -13.24
N VAL A 111 -17.67 -3.74 -12.34
CA VAL A 111 -17.29 -2.37 -12.72
C VAL A 111 -16.00 -1.90 -12.13
N ILE A 112 -15.49 -2.55 -11.08
CA ILE A 112 -14.19 -2.24 -10.53
C ILE A 112 -13.45 -3.51 -10.17
N LYS A 113 -12.12 -3.42 -10.23
CA LYS A 113 -11.20 -4.41 -9.67
C LYS A 113 -11.07 -4.25 -8.15
N LEU A 114 -10.70 -5.35 -7.49
CA LEU A 114 -10.49 -5.35 -6.03
C LEU A 114 -11.77 -5.01 -5.29
N ALA A 115 -12.90 -5.45 -5.84
CA ALA A 115 -14.19 -5.11 -5.24
C ALA A 115 -14.40 -5.74 -3.87
N ASP A 116 -13.70 -6.84 -3.58
CA ASP A 116 -13.88 -7.53 -2.31
C ASP A 116 -12.83 -7.15 -1.29
N GLU A 117 -11.98 -6.18 -1.60
CA GLU A 117 -10.91 -5.79 -0.69
C GLU A 117 -11.48 -5.06 0.52
N LYS A 118 -12.22 -4.00 0.28
CA LYS A 118 -12.86 -3.23 1.36
C LYS A 118 -14.34 -3.57 1.38
N ALA A 119 -14.61 -4.83 1.71
CA ALA A 119 -15.94 -5.40 1.67
C ALA A 119 -16.20 -6.15 2.97
N TYR A 120 -17.46 -6.12 3.42
CA TYR A 120 -17.86 -6.96 4.53
C TYR A 120 -19.33 -7.34 4.33
N ASP A 121 -19.67 -8.55 4.77
CA ASP A 121 -21.01 -9.12 4.60
C ASP A 121 -21.62 -8.80 3.24
N GLY A 122 -20.85 -8.95 2.17
CA GLY A 122 -21.38 -8.85 0.83
C GLY A 122 -21.47 -7.46 0.24
N GLN A 123 -21.06 -6.44 0.97
CA GLN A 123 -21.15 -5.06 0.50
C GLN A 123 -19.74 -4.49 0.37
N THR A 124 -19.54 -3.68 -0.64
CA THR A 124 -18.27 -3.00 -0.84
C THR A 124 -18.36 -1.61 -0.23
N TYR A 125 -17.39 -1.31 0.64
CA TYR A 125 -17.34 -0.07 1.38
C TYR A 125 -16.22 0.87 0.95
N GLY A 126 -15.28 0.40 0.14
CA GLY A 126 -14.20 1.25 -0.32
C GLY A 126 -13.79 0.87 -1.73
N ILE A 127 -13.28 1.84 -2.48
CA ILE A 127 -12.86 1.65 -3.86
C ILE A 127 -11.42 2.14 -3.93
N ALA A 128 -10.50 1.24 -4.31
CA ALA A 128 -9.08 1.59 -4.37
C ALA A 128 -8.87 2.74 -5.33
N ASN A 129 -8.05 3.72 -4.92
CA ASN A 129 -7.76 4.80 -5.83
C ASN A 129 -6.80 4.37 -6.93
N ASN A 130 -5.99 3.34 -6.70
N ASN A 130 -6.11 3.25 -6.75
CA ASN A 130 -5.21 2.74 -7.78
CA ASN A 130 -5.03 2.80 -7.63
C ASN A 130 -4.66 1.41 -7.31
C ASN A 130 -4.69 1.35 -7.29
N GLY A 131 -4.34 0.55 -8.29
CA GLY A 131 -3.92 -0.80 -8.04
C GLY A 131 -2.38 -0.91 -8.08
N VAL A 132 -1.81 -1.39 -6.98
CA VAL A 132 -0.36 -1.34 -6.84
C VAL A 132 0.22 -2.70 -6.47
N THR A 133 1.47 -2.88 -6.86
CA THR A 133 2.23 -4.08 -6.55
C THR A 133 3.22 -3.76 -5.46
N ALA A 134 3.63 -4.81 -4.78
CA ALA A 134 4.60 -4.72 -3.69
C ALA A 134 5.94 -5.15 -4.28
N GLY A 135 6.81 -4.18 -4.48
CA GLY A 135 8.06 -4.44 -5.16
C GLY A 135 9.11 -3.55 -4.55
N ILE A 136 10.24 -3.35 -5.23
CA ILE A 136 11.30 -2.49 -4.74
C ILE A 136 11.57 -1.42 -5.80
N VAL A 137 11.74 -0.20 -5.34
CA VAL A 137 12.17 0.89 -6.22
C VAL A 137 13.69 0.87 -6.22
N TYR A 138 14.30 1.10 -7.38
CA TYR A 138 15.76 0.96 -7.53
C TYR A 138 16.20 1.95 -8.60
N ASN A 139 17.42 2.45 -8.40
CA ASN A 139 18.06 3.40 -9.31
C ASN A 139 18.93 2.60 -10.27
N LYS A 140 18.56 2.58 -11.54
CA LYS A 140 19.27 1.74 -12.50
C LYS A 140 20.69 2.21 -12.69
N LYS A 141 20.94 3.53 -12.60
CA LYS A 141 22.28 4.04 -12.77
C LYS A 141 23.21 3.56 -11.68
N VAL A 142 22.72 3.51 -10.43
CA VAL A 142 23.49 2.97 -9.30
C VAL A 142 23.78 1.50 -9.51
N PHE A 143 22.77 0.74 -9.95
CA PHE A 143 22.97 -0.68 -10.23
C PHE A 143 24.00 -0.90 -11.31
N GLU A 144 23.98 -0.08 -12.37
CA GLU A 144 24.96 -0.22 -13.44
C GLU A 144 26.36 0.09 -12.93
N GLU A 145 26.50 1.19 -12.18
CA GLU A 145 27.78 1.55 -11.60
C GLU A 145 28.39 0.40 -10.84
N ALA A 146 27.57 -0.37 -10.14
CA ALA A 146 28.06 -1.50 -9.37
C ALA A 146 28.25 -2.75 -10.20
N GLY A 147 27.98 -2.73 -11.49
CA GLY A 147 28.10 -3.93 -12.30
C GLY A 147 27.00 -4.96 -12.17
N ILE A 148 25.85 -4.60 -11.61
CA ILE A 148 24.75 -5.56 -11.42
C ILE A 148 24.05 -5.76 -12.76
N LYS A 149 24.03 -7.01 -13.23
CA LYS A 149 23.56 -7.37 -14.56
C LYS A 149 22.19 -8.02 -14.54
N GLU A 150 21.90 -8.83 -13.54
CA GLU A 150 20.58 -9.43 -13.38
C GLU A 150 19.99 -8.86 -12.09
N LEU A 151 18.69 -8.54 -12.12
CA LEU A 151 18.04 -8.14 -10.90
C LEU A 151 18.12 -9.31 -9.92
N PRO A 152 18.30 -9.04 -8.63
CA PRO A 152 18.35 -10.14 -7.65
C PRO A 152 17.00 -10.82 -7.51
N LYS A 153 17.03 -12.13 -7.41
CA LYS A 153 15.80 -12.89 -7.30
C LYS A 153 15.69 -13.66 -6.00
N THR A 154 16.69 -13.60 -5.14
CA THR A 154 16.67 -14.33 -3.88
C THR A 154 17.25 -13.39 -2.83
N PRO A 155 17.02 -13.68 -1.55
CA PRO A 155 17.54 -12.76 -0.52
C PRO A 155 19.07 -12.76 -0.49
N GLU A 156 19.70 -13.92 -0.73
CA GLU A 156 21.14 -14.00 -0.81
C GLU A 156 21.65 -13.15 -1.98
N GLU A 157 21.00 -13.29 -3.14
CA GLU A 157 21.39 -12.47 -4.31
C GLU A 157 21.24 -10.99 -3.96
N PHE A 158 20.16 -10.62 -3.29
CA PHE A 158 19.95 -9.21 -2.99
C PHE A 158 21.01 -8.67 -2.06
N GLN A 159 21.33 -9.43 -0.99
CA GLN A 159 22.41 -9.00 -0.09
C GLN A 159 23.73 -8.87 -0.84
N ALA A 160 24.03 -9.81 -1.72
CA ALA A 160 25.26 -9.72 -2.49
C ALA A 160 25.22 -8.50 -3.40
N ASP A 161 24.05 -8.14 -3.93
CA ASP A 161 23.98 -6.93 -4.75
C ASP A 161 24.14 -5.67 -3.92
N LEU A 162 23.52 -5.64 -2.75
CA LEU A 162 23.69 -4.52 -1.84
C LEU A 162 25.16 -4.34 -1.49
N LYS A 163 25.88 -5.44 -1.21
CA LYS A 163 27.31 -5.38 -0.91
C LYS A 163 28.08 -4.69 -2.03
N LEU A 164 27.78 -5.08 -3.26
CA LEU A 164 28.44 -4.45 -4.39
C LEU A 164 28.14 -2.97 -4.48
N ILE A 165 26.88 -2.56 -4.22
CA ILE A 165 26.57 -1.15 -4.18
C ILE A 165 27.41 -0.44 -3.11
N LYS A 166 27.48 -1.02 -1.90
CA LYS A 166 28.26 -0.39 -0.82
C LYS A 166 29.73 -0.29 -1.17
N GLU A 167 30.28 -1.34 -1.77
CA GLU A 167 31.72 -1.39 -2.07
C GLU A 167 32.09 -0.52 -3.26
N LYS A 168 31.24 -0.49 -4.29
CA LYS A 168 31.63 0.17 -5.54
C LYS A 168 31.00 1.53 -5.78
N THR A 169 30.02 1.98 -4.97
CA THR A 169 29.36 3.26 -5.19
C THR A 169 29.27 4.05 -3.90
N LYS A 170 28.81 5.29 -4.04
CA LYS A 170 28.59 6.21 -2.92
C LYS A 170 27.13 6.20 -2.43
N ALA A 171 26.32 5.30 -2.95
CA ALA A 171 24.90 5.26 -2.70
C ALA A 171 24.57 4.52 -1.42
N VAL A 172 23.49 4.94 -0.75
CA VAL A 172 22.95 4.08 0.31
C VAL A 172 22.35 2.86 -0.39
N PRO A 173 22.89 1.64 -0.16
CA PRO A 173 22.30 0.48 -0.85
C PRO A 173 20.78 0.30 -0.60
N LEU A 174 20.31 0.50 0.62
CA LEU A 174 18.89 0.33 0.95
C LEU A 174 18.59 1.37 2.01
N TYR A 175 17.72 2.35 1.70
CA TYR A 175 17.37 3.43 2.63
C TYR A 175 16.12 3.02 3.39
N THR A 176 16.19 2.97 4.70
CA THR A 176 15.10 2.35 5.44
C THR A 176 13.82 3.23 5.56
N ASN A 177 13.96 4.57 5.56
CA ASN A 177 12.96 5.56 5.91
C ASN A 177 12.36 5.25 7.28
N PHE A 178 13.27 4.94 8.19
CA PHE A 178 12.92 4.46 9.53
C PHE A 178 11.95 5.41 10.19
N VAL A 179 12.13 6.71 9.98
CA VAL A 179 11.37 7.71 10.73
C VAL A 179 9.87 7.67 10.37
N GLU A 180 9.53 7.27 9.14
CA GLU A 180 8.16 7.19 8.68
C GLU A 180 7.60 5.84 9.11
N ASP A 181 6.72 5.84 10.12
CA ASP A 181 6.14 4.59 10.60
C ASP A 181 5.42 3.87 9.46
N TRP A 182 4.79 4.61 8.54
CA TRP A 182 4.16 3.89 7.42
C TRP A 182 5.18 3.25 6.48
N ALA A 183 6.38 3.81 6.33
CA ALA A 183 7.31 3.23 5.36
C ALA A 183 7.91 1.94 5.89
N MET A 184 8.04 1.88 7.21
CA MET A 184 8.48 0.68 7.89
C MET A 184 7.40 -0.38 7.92
N GLY A 185 6.15 -0.04 8.21
CA GLY A 185 5.10 -1.02 8.19
C GLY A 185 4.79 -1.53 6.81
N ALA A 186 5.27 -0.83 5.78
CA ALA A 186 5.19 -1.37 4.43
C ALA A 186 5.80 -2.78 4.26
N TRP A 187 6.78 -3.17 5.08
CA TRP A 187 7.40 -4.49 4.94
C TRP A 187 6.42 -5.64 5.18
N ASP A 188 5.34 -5.41 5.94
CA ASP A 188 4.28 -6.42 6.19
C ASP A 188 3.55 -6.82 4.92
N GLN A 189 3.57 -5.97 3.90
CA GLN A 189 2.84 -6.20 2.67
C GLN A 189 3.52 -7.21 1.76
N TYR A 190 4.72 -7.64 2.10
CA TYR A 190 5.46 -8.55 1.26
C TYR A 190 5.48 -9.98 1.79
N ILE A 191 4.95 -10.25 3.00
CA ILE A 191 5.16 -11.56 3.64
C ILE A 191 4.19 -12.63 3.19
N ALA A 192 3.26 -12.34 2.28
CA ALA A 192 2.22 -13.28 1.97
C ALA A 192 2.35 -13.67 0.51
N GLY A 193 1.64 -13.06 -0.44
CA GLY A 193 1.69 -13.47 -1.81
C GLY A 193 3.10 -13.47 -2.39
N ASN A 194 3.89 -12.42 -2.09
CA ASN A 194 5.24 -12.35 -2.61
C ASN A 194 6.13 -13.40 -1.97
N ALA A 195 5.97 -13.63 -0.66
CA ALA A 195 6.88 -14.54 0.03
C ALA A 195 6.49 -16.00 -0.14
N THR A 196 5.27 -16.29 -0.62
CA THR A 196 4.74 -17.65 -0.58
C THR A 196 4.14 -18.09 -1.89
N GLY A 197 3.84 -17.16 -2.79
CA GLY A 197 3.03 -17.45 -3.96
C GLY A 197 1.64 -17.92 -3.62
N ASP A 198 1.22 -17.83 -2.37
CA ASP A 198 -0.07 -18.39 -1.98
C ASP A 198 -1.10 -17.28 -1.80
N PRO A 199 -2.09 -17.16 -2.66
CA PRO A 199 -3.12 -16.12 -2.46
C PRO A 199 -3.92 -16.28 -1.18
N LYS A 200 -4.10 -17.50 -0.70
CA LYS A 200 -4.84 -17.72 0.53
C LYS A 200 -4.01 -17.46 1.78
N PHE A 201 -2.77 -17.01 1.60
CA PHE A 201 -1.88 -17.01 2.75
C PHE A 201 -2.29 -15.92 3.73
N MET A 202 -2.51 -14.71 3.23
CA MET A 202 -2.77 -13.57 4.11
C MET A 202 -4.02 -13.79 4.96
N ASN A 203 -5.09 -14.32 4.37
CA ASN A 203 -6.38 -14.31 5.04
C ASN A 203 -6.83 -15.65 5.57
N GLN A 204 -6.21 -16.74 5.14
CA GLN A 204 -6.53 -18.08 5.62
C GLN A 204 -5.38 -18.73 6.37
N VAL A 205 -4.19 -18.83 5.75
CA VAL A 205 -3.09 -19.62 6.34
C VAL A 205 -2.50 -18.90 7.55
N LEU A 206 -2.14 -17.63 7.36
CA LEU A 206 -1.46 -16.85 8.40
C LEU A 206 -2.18 -16.80 9.72
N PRO A 207 -3.50 -16.53 9.78
CA PRO A 207 -4.19 -16.50 11.07
C PRO A 207 -4.56 -17.88 11.63
N THR A 208 -4.36 -18.95 10.87
CA THR A 208 -4.52 -20.28 11.41
C THR A 208 -3.17 -20.95 11.64
N THR A 209 -2.08 -20.21 11.50
CA THR A 209 -0.74 -20.71 11.72
C THR A 209 -0.14 -20.12 12.99
N LYS A 210 0.37 -21.00 13.85
CA LYS A 210 0.80 -20.60 15.18
C LYS A 210 2.14 -19.87 15.15
N GLU A 211 3.07 -20.31 14.30
CA GLU A 211 4.42 -19.76 14.26
C GLU A 211 4.78 -19.39 12.83
N PRO A 212 4.08 -18.39 12.24
CA PRO A 212 4.27 -18.12 10.82
C PRO A 212 5.57 -17.39 10.50
N PHE A 213 6.31 -16.93 11.50
CA PHE A 213 7.47 -16.10 11.27
C PHE A 213 8.77 -16.91 11.40
N LYS A 214 8.68 -18.20 11.71
CA LYS A 214 9.85 -19.06 11.74
C LYS A 214 10.37 -19.29 10.33
N LYS A 215 11.68 -19.54 10.24
CA LYS A 215 12.30 -19.93 8.98
C LYS A 215 11.59 -21.16 8.43
N ASP A 216 11.36 -21.16 7.12
CA ASP A 216 10.79 -22.33 6.45
C ASP A 216 11.93 -23.28 6.12
N ALA A 217 11.94 -24.45 6.74
CA ALA A 217 13.08 -25.34 6.58
C ALA A 217 13.18 -25.88 5.16
N SER A 218 12.04 -26.17 4.51
CA SER A 218 12.05 -26.62 3.12
C SER A 218 12.54 -25.53 2.17
N ALA A 219 11.97 -24.32 2.25
CA ALA A 219 12.29 -23.22 1.33
C ALA A 219 12.73 -22.00 2.13
N PRO A 220 13.95 -22.02 2.65
CA PRO A 220 14.33 -20.98 3.63
C PRO A 220 14.41 -19.61 3.05
N ASP A 221 14.51 -19.50 1.72
CA ASP A 221 14.48 -18.20 1.07
C ASP A 221 13.07 -17.71 0.78
N THR A 222 12.06 -18.22 1.47
CA THR A 222 10.68 -17.84 1.25
C THR A 222 10.00 -17.66 2.60
N HIS A 223 8.66 -17.25 2.55
CA HIS A 223 7.81 -17.05 3.70
C HIS A 223 8.17 -15.81 4.49
N PRO A 224 7.36 -15.42 5.47
CA PRO A 224 7.59 -14.13 6.14
C PRO A 224 9.02 -13.96 6.65
N TYR A 225 9.58 -15.01 7.26
CA TYR A 225 10.95 -14.96 7.76
C TYR A 225 11.92 -14.33 6.77
N ALA A 226 11.90 -14.82 5.52
CA ALA A 226 12.82 -14.33 4.51
C ALA A 226 12.68 -12.84 4.25
N VAL A 227 11.46 -12.31 4.34
CA VAL A 227 11.23 -10.89 4.13
C VAL A 227 11.86 -10.08 5.26
N TYR A 228 11.52 -10.41 6.52
CA TYR A 228 12.03 -9.63 7.64
C TYR A 228 13.56 -9.76 7.78
N LYS A 229 14.12 -10.91 7.44
CA LYS A 229 15.55 -11.11 7.46
C LYS A 229 16.22 -10.30 6.35
N THR A 230 15.51 -10.03 5.24
CA THR A 230 16.10 -9.14 4.24
C THR A 230 16.41 -7.79 4.87
N LEU A 231 15.45 -7.22 5.59
CA LEU A 231 15.66 -5.93 6.22
C LEU A 231 16.68 -6.02 7.34
N TYR A 232 16.60 -7.09 8.12
CA TYR A 232 17.54 -7.27 9.21
C TYR A 232 18.96 -7.37 8.63
N ASP A 233 19.18 -8.27 7.66
CA ASP A 233 20.56 -8.41 7.17
C ASP A 233 21.04 -7.13 6.52
N ALA A 234 20.18 -6.40 5.79
CA ALA A 234 20.67 -5.22 5.11
C ALA A 234 21.21 -4.22 6.12
N VAL A 235 20.60 -4.16 7.29
CA VAL A 235 20.99 -3.17 8.28
C VAL A 235 22.21 -3.66 9.02
N ALA A 236 22.16 -4.90 9.47
CA ALA A 236 23.25 -5.46 10.26
C ALA A 236 24.54 -5.58 9.44
N ASN A 237 24.43 -5.82 8.12
CA ASN A 237 25.59 -5.83 7.25
C ASN A 237 26.08 -4.44 6.93
N GLY A 238 25.45 -3.38 7.41
CA GLY A 238 25.91 -2.05 7.09
C GLY A 238 25.58 -1.57 5.70
N TYR A 239 24.46 -2.02 5.13
CA TYR A 239 24.05 -1.61 3.79
C TYR A 239 22.88 -0.64 3.76
N THR A 240 22.61 0.03 4.89
CA THR A 240 21.54 1.04 4.92
C THR A 240 22.18 2.29 5.50
N GLU A 241 21.38 3.31 5.75
CA GLU A 241 21.91 4.63 5.98
C GLU A 241 22.67 4.71 7.30
N GLU A 242 23.57 5.71 7.35
CA GLU A 242 24.38 6.00 8.54
C GLU A 242 23.53 6.03 9.81
N ASP A 243 22.40 6.68 9.76
CA ASP A 243 21.68 6.96 10.99
C ASP A 243 20.19 6.88 10.66
N TYR A 244 19.59 5.75 11.04
CA TYR A 244 18.19 5.54 10.75
C TYR A 244 17.31 6.59 11.43
N SER A 245 17.78 7.16 12.53
CA SER A 245 16.93 8.07 13.30
C SER A 245 16.92 9.46 12.69
N THR A 246 17.53 9.65 11.51
CA THR A 246 17.57 10.93 10.82
C THR A 246 17.00 10.84 9.42
N THR A 247 16.39 9.73 9.06
CA THR A 247 15.86 9.60 7.72
C THR A 247 14.78 10.66 7.52
N ASP A 248 14.64 11.10 6.27
CA ASP A 248 13.63 12.06 5.89
C ASP A 248 13.01 11.61 4.58
N TRP A 249 11.70 11.42 4.57
CA TRP A 249 11.02 10.87 3.41
C TRP A 249 11.08 11.80 2.21
N GLU A 250 10.70 13.07 2.38
CA GLU A 250 10.63 13.92 1.20
C GLU A 250 12.00 14.03 0.53
N SER A 251 13.03 14.25 1.33
CA SER A 251 14.32 14.33 0.67
C SER A 251 14.81 12.97 0.18
N SER A 252 14.32 11.86 0.72
CA SER A 252 14.71 10.55 0.20
C SER A 252 14.29 10.41 -1.26
N LYS A 253 13.20 11.05 -1.67
CA LYS A 253 12.81 10.99 -3.07
C LYS A 253 13.85 11.67 -3.94
N GLY A 254 14.32 12.84 -3.50
CA GLY A 254 15.32 13.53 -4.26
C GLY A 254 16.63 12.76 -4.28
N LYS A 255 17.06 12.26 -3.12
CA LYS A 255 18.30 11.51 -3.05
C LYS A 255 18.26 10.33 -4.02
N MET A 256 17.16 9.59 -4.02
CA MET A 256 17.03 8.39 -4.86
C MET A 256 17.13 8.79 -6.32
N ASN A 257 16.43 9.83 -6.72
CA ASN A 257 16.49 10.26 -8.12
C ASN A 257 17.91 10.65 -8.51
N ASN A 258 18.66 11.25 -7.60
CA ASN A 258 20.04 11.62 -7.86
C ASN A 258 21.04 10.47 -7.73
N GLY A 259 20.59 9.24 -7.52
CA GLY A 259 21.52 8.16 -7.33
C GLY A 259 22.25 8.12 -5.99
N GLU A 260 21.77 8.82 -4.97
CA GLU A 260 22.33 8.73 -3.64
C GLU A 260 21.76 7.55 -2.85
N ILE A 261 20.69 6.94 -3.34
CA ILE A 261 20.08 5.76 -2.76
C ILE A 261 19.86 4.77 -3.88
N ALA A 262 20.21 3.52 -3.62
CA ALA A 262 20.06 2.50 -4.64
C ALA A 262 18.66 1.87 -4.61
N THR A 263 18.14 1.54 -3.42
CA THR A 263 16.90 0.81 -3.30
C THR A 263 16.09 1.35 -2.11
N MET A 264 14.79 1.25 -2.24
CA MET A 264 13.80 1.49 -1.19
C MET A 264 12.66 0.50 -1.39
N VAL A 265 12.23 -0.11 -0.30
CA VAL A 265 11.19 -1.14 -0.34
C VAL A 265 9.84 -0.43 -0.13
N LEU A 266 9.12 -0.20 -1.25
CA LEU A 266 7.89 0.60 -1.31
C LEU A 266 7.03 0.12 -2.49
N GLY A 267 5.70 0.20 -2.31
CA GLY A 267 4.80 -0.22 -3.37
C GLY A 267 4.95 0.62 -4.63
N ALA A 268 4.40 0.14 -5.73
CA ALA A 268 4.62 0.77 -7.03
C ALA A 268 4.15 2.24 -7.10
N TRP A 269 3.31 2.70 -6.17
CA TRP A 269 2.92 4.11 -6.13
C TRP A 269 4.14 5.03 -5.97
N ALA A 270 5.24 4.52 -5.44
CA ALA A 270 6.39 5.37 -5.19
C ALA A 270 7.17 5.65 -6.46
N VAL A 271 7.00 4.86 -7.50
CA VAL A 271 7.83 5.04 -8.70
C VAL A 271 7.68 6.46 -9.25
N PRO A 272 6.45 6.95 -9.57
CA PRO A 272 6.33 8.33 -10.10
C PRO A 272 6.86 9.40 -9.18
N GLN A 273 6.71 9.23 -7.88
CA GLN A 273 7.17 10.26 -6.97
C GLN A 273 8.69 10.36 -6.96
N MET A 274 9.36 9.20 -7.06
CA MET A 274 10.80 9.18 -7.23
C MET A 274 11.21 9.79 -8.57
N LYS A 275 10.55 9.39 -9.65
CA LYS A 275 10.87 9.92 -10.96
C LYS A 275 10.83 11.44 -10.98
N GLN A 276 9.70 12.01 -10.53
CA GLN A 276 9.46 13.45 -10.60
C GLN A 276 10.39 14.21 -9.67
N ALA A 277 11.08 13.54 -8.76
CA ALA A 277 11.77 14.21 -7.67
C ALA A 277 13.08 14.88 -8.09
N GLY A 278 13.48 14.74 -9.35
CA GLY A 278 14.66 15.41 -9.85
C GLY A 278 14.83 15.10 -11.32
N ASP A 279 15.98 15.49 -11.88
CA ASP A 279 16.32 15.01 -13.22
C ASP A 279 16.53 13.50 -13.18
N HIS A 280 16.89 12.91 -14.26
CA HIS A 280 17.07 11.46 -14.24
C HIS A 280 15.81 10.64 -13.85
N PRO A 281 14.60 10.99 -14.30
CA PRO A 281 13.50 10.06 -14.11
C PRO A 281 13.76 8.70 -14.78
N ASP A 282 14.56 8.67 -15.82
CA ASP A 282 14.81 7.40 -16.47
C ASP A 282 15.84 6.58 -15.70
N ASP A 283 16.42 7.10 -14.61
CA ASP A 283 17.25 6.25 -13.75
C ASP A 283 16.40 5.42 -12.77
N ILE A 284 15.10 5.65 -12.67
CA ILE A 284 14.27 5.03 -11.64
C ILE A 284 13.55 3.85 -12.25
N GLY A 285 13.71 2.70 -11.64
CA GLY A 285 12.98 1.51 -12.05
C GLY A 285 12.32 0.85 -10.86
N TYR A 286 11.69 -0.28 -11.14
CA TYR A 286 10.89 -0.98 -10.15
C TYR A 286 11.17 -2.45 -10.38
N MET A 287 11.46 -3.20 -9.34
CA MET A 287 11.77 -4.61 -9.49
C MET A 287 10.93 -5.42 -8.52
N PRO A 288 10.68 -6.71 -8.83
CA PRO A 288 9.92 -7.55 -7.91
C PRO A 288 10.73 -7.76 -6.64
N PHE A 289 10.05 -7.99 -5.52
CA PHE A 289 10.79 -8.25 -4.30
C PHE A 289 11.64 -9.52 -4.50
N PRO A 290 12.91 -9.57 -3.98
CA PRO A 290 13.83 -10.65 -4.37
C PRO A 290 13.60 -11.96 -3.63
N ILE A 291 12.42 -12.52 -3.80
CA ILE A 291 12.09 -13.85 -3.30
C ILE A 291 11.60 -14.65 -4.48
N THR A 292 12.03 -15.89 -4.56
CA THR A 292 11.59 -16.80 -5.60
C THR A 292 10.98 -18.00 -4.92
N VAL A 293 9.86 -18.46 -5.44
CA VAL A 293 9.10 -19.54 -4.81
C VAL A 293 8.97 -20.62 -5.86
N ASP A 294 9.69 -21.72 -5.68
CA ASP A 294 9.61 -22.81 -6.63
C ASP A 294 9.93 -22.32 -8.03
N GLY A 295 10.90 -21.44 -8.14
CA GLY A 295 11.37 -21.02 -9.42
C GLY A 295 10.55 -19.94 -10.10
N LYS A 296 9.61 -19.30 -9.42
CA LYS A 296 8.85 -18.19 -10.00
C LYS A 296 8.69 -17.09 -8.96
N GLN A 297 8.72 -15.84 -9.42
CA GLN A 297 8.46 -14.72 -8.53
C GLN A 297 6.99 -14.35 -8.50
N TYR A 298 6.56 -13.77 -7.37
CA TYR A 298 5.17 -13.41 -7.17
C TYR A 298 5.02 -11.99 -6.62
N ALA A 299 4.01 -11.27 -7.11
CA ALA A 299 3.77 -9.92 -6.61
C ALA A 299 2.27 -9.75 -6.44
N THR A 300 1.86 -9.30 -5.26
CA THR A 300 0.45 -9.17 -4.99
C THR A 300 -0.02 -7.82 -5.53
N ILE A 301 -1.14 -7.82 -6.23
CA ILE A 301 -1.82 -6.58 -6.55
C ILE A 301 -2.81 -6.29 -5.43
N ALA A 302 -2.69 -5.13 -4.83
CA ALA A 302 -3.63 -4.68 -3.79
C ALA A 302 -3.93 -3.20 -4.02
N GLY A 303 -4.95 -2.68 -3.37
CA GLY A 303 -5.29 -1.27 -3.51
C GLY A 303 -4.30 -0.40 -2.79
N ASP A 304 -4.16 0.86 -3.25
CA ASP A 304 -3.32 1.92 -2.64
C ASP A 304 -4.09 2.39 -1.40
N TYR A 305 -4.83 3.51 -1.48
CA TYR A 305 -5.74 3.92 -0.42
C TYR A 305 -7.13 3.83 -1.07
N SER A 306 -8.11 3.41 -0.31
CA SER A 306 -9.46 3.25 -0.83
C SER A 306 -10.39 4.36 -0.36
N TYR A 307 -11.19 4.88 -1.30
CA TYR A 307 -12.15 5.93 -1.02
C TYR A 307 -13.30 5.40 -0.17
N GLY A 308 -13.50 5.98 1.00
CA GLY A 308 -14.65 5.67 1.84
C GLY A 308 -15.55 6.88 2.03
N ILE A 309 -16.86 6.65 2.07
CA ILE A 309 -17.83 7.74 2.11
C ILE A 309 -18.56 7.74 3.46
N ASN A 310 -18.58 8.91 4.09
CA ASN A 310 -19.12 9.06 5.44
C ASN A 310 -20.62 8.75 5.46
N LYS A 311 -20.96 7.71 6.22
CA LYS A 311 -22.33 7.28 6.44
C LYS A 311 -23.21 8.34 7.04
N ASN A 312 -22.62 9.36 7.65
CA ASN A 312 -23.37 10.30 8.48
C ASN A 312 -23.80 11.54 7.73
N ILE A 313 -23.32 11.75 6.51
CA ILE A 313 -23.70 12.95 5.78
C ILE A 313 -25.05 12.78 5.10
N SER A 314 -25.60 13.88 4.59
CA SER A 314 -26.92 13.87 4.01
C SER A 314 -26.93 13.06 2.74
N LYS A 315 -28.12 12.85 2.17
CA LYS A 315 -28.32 12.09 0.91
C LYS A 315 -27.63 12.85 -0.21
N GLU A 316 -27.81 14.15 -0.31
CA GLU A 316 -27.16 14.95 -1.38
C GLU A 316 -25.64 14.80 -1.29
N LYS A 317 -25.08 14.83 -0.09
CA LYS A 317 -23.60 14.76 0.11
C LYS A 317 -23.12 13.35 -0.24
N GLN A 318 -23.81 12.28 0.14
CA GLN A 318 -23.40 10.96 -0.27
C GLN A 318 -23.45 10.82 -1.78
N GLU A 319 -24.46 11.38 -2.41
CA GLU A 319 -24.56 11.33 -3.86
C GLU A 319 -23.36 12.01 -4.49
N ALA A 320 -23.08 13.24 -4.06
CA ALA A 320 -21.96 14.00 -4.61
C ALA A 320 -20.65 13.26 -4.35
N SER A 321 -20.48 12.72 -3.15
CA SER A 321 -19.28 11.93 -2.86
C SER A 321 -19.17 10.75 -3.82
N MET A 322 -20.25 10.00 -4.01
CA MET A 322 -20.14 8.81 -4.83
C MET A 322 -19.87 9.15 -6.29
N ILE A 323 -20.42 10.26 -6.75
CA ILE A 323 -20.17 10.73 -8.11
C ILE A 323 -18.69 11.05 -8.28
N PHE A 324 -18.12 11.77 -7.30
CA PHE A 324 -16.72 12.15 -7.40
C PHE A 324 -15.83 10.91 -7.42
N VAL A 325 -16.11 9.99 -6.51
CA VAL A 325 -15.35 8.75 -6.45
C VAL A 325 -15.41 8.04 -7.79
N LYS A 326 -16.62 7.89 -8.34
CA LYS A 326 -16.77 7.25 -9.63
C LYS A 326 -16.02 8.05 -10.69
N TRP A 327 -16.03 9.38 -10.60
CA TRP A 327 -15.25 10.14 -11.58
C TRP A 327 -13.74 9.88 -11.43
N MET A 328 -13.23 9.96 -10.20
CA MET A 328 -11.83 9.65 -9.96
C MET A 328 -11.46 8.31 -10.58
N THR A 329 -12.27 7.29 -10.31
CA THR A 329 -11.99 5.94 -10.78
C THR A 329 -12.07 5.82 -12.29
N GLU A 330 -13.10 6.41 -12.90
CA GLU A 330 -13.39 6.16 -14.30
C GLU A 330 -12.85 7.24 -15.21
N ASP A 331 -12.79 8.49 -14.78
CA ASP A 331 -12.42 9.55 -15.71
C ASP A 331 -11.10 10.23 -15.39
N SER A 332 -10.62 10.21 -14.14
CA SER A 332 -9.56 11.15 -13.76
C SER A 332 -8.20 10.79 -14.34
N GLY A 333 -7.96 9.50 -14.60
CA GLY A 333 -6.61 9.06 -14.89
C GLY A 333 -5.65 9.01 -13.73
N PHE A 334 -6.15 9.10 -12.49
CA PHE A 334 -5.29 9.15 -11.31
C PHE A 334 -4.38 7.92 -11.24
N ALA A 335 -4.96 6.73 -11.33
CA ALA A 335 -4.25 5.43 -11.26
C ALA A 335 -3.05 5.48 -12.21
N LYS A 336 -3.30 5.72 -13.49
CA LYS A 336 -2.25 5.76 -14.51
C LYS A 336 -1.23 6.84 -14.12
N ASN A 337 -1.65 8.04 -13.72
CA ASN A 337 -0.71 9.11 -13.41
C ASN A 337 0.14 8.79 -12.21
N GLU A 338 -0.39 8.06 -11.24
CA GLU A 338 0.33 7.74 -10.02
C GLU A 338 0.97 6.34 -10.07
N GLY A 339 1.22 5.83 -11.26
CA GLY A 339 2.07 4.68 -11.43
C GLY A 339 1.37 3.36 -11.25
N GLY A 340 0.04 3.35 -11.17
CA GLY A 340 -0.64 2.14 -10.78
C GLY A 340 -1.54 1.60 -11.83
N ILE A 341 -2.31 0.58 -11.46
CA ILE A 341 -3.26 -0.12 -12.31
C ILE A 341 -4.63 0.52 -12.13
N PRO A 342 -5.34 0.84 -13.22
CA PRO A 342 -6.69 1.41 -13.09
C PRO A 342 -7.63 0.43 -12.44
N ILE A 343 -8.44 0.93 -11.51
CA ILE A 343 -9.46 0.12 -10.87
C ILE A 343 -10.71 -0.01 -11.73
N LYS A 344 -10.89 0.85 -12.74
CA LYS A 344 -11.95 0.63 -13.72
C LYS A 344 -11.82 -0.77 -14.29
N ALA A 345 -12.95 -1.48 -14.37
CA ALA A 345 -12.98 -2.85 -14.85
C ALA A 345 -13.20 -2.97 -16.36
N ASP A 346 -13.23 -1.86 -17.11
CA ASP A 346 -13.09 -1.92 -18.56
C ASP A 346 -11.71 -1.48 -19.03
N ASP A 347 -10.70 -1.64 -18.17
CA ASP A 347 -9.32 -1.23 -18.52
C ASP A 347 -8.28 -2.00 -17.69
N GLU A 348 -7.15 -2.36 -18.30
CA GLU A 348 -6.04 -3.10 -17.65
C GLU A 348 -4.76 -2.26 -17.75
N SER A 349 -4.26 -2.07 -18.97
CA SER A 349 -3.06 -1.26 -19.32
C SER A 349 -2.00 -1.31 -18.22
N MET A 350 -1.28 -2.43 -18.08
CA MET A 350 -0.23 -2.53 -17.04
C MET A 350 0.77 -1.38 -17.23
N PRO A 351 0.66 -0.32 -16.43
CA PRO A 351 1.56 0.84 -16.51
C PRO A 351 3.00 0.44 -16.84
N GLU A 352 3.77 1.39 -17.35
CA GLU A 352 5.14 1.24 -17.92
C GLU A 352 6.19 0.71 -16.93
N THR A 353 6.15 1.16 -15.68
CA THR A 353 7.01 0.73 -14.55
C THR A 353 6.82 -0.76 -14.23
N TYR A 354 6.89 -1.66 -15.21
CA TYR A 354 6.56 -3.07 -14.99
C TYR A 354 7.20 -3.99 -16.03
N GLU A 355 8.21 -3.55 -16.78
CA GLU A 355 8.88 -4.45 -17.73
C GLU A 355 9.64 -5.55 -17.01
N THR A 356 10.32 -5.21 -15.92
CA THR A 356 10.96 -6.20 -15.09
C THR A 356 9.99 -7.16 -14.39
N PHE A 357 8.68 -7.02 -14.64
CA PHE A 357 7.66 -7.92 -14.12
C PHE A 357 7.14 -8.88 -15.19
N SER A 358 7.87 -9.01 -16.30
CA SER A 358 7.46 -9.81 -17.43
C SER A 358 7.17 -11.26 -17.04
N ASP A 359 7.96 -11.82 -16.14
CA ASP A 359 7.82 -13.21 -15.74
C ASP A 359 7.30 -13.34 -14.32
N VAL A 360 6.79 -12.29 -13.74
CA VAL A 360 6.20 -12.35 -12.41
C VAL A 360 4.75 -12.73 -12.52
N GLU A 361 4.31 -13.64 -11.66
CA GLU A 361 2.93 -14.07 -11.57
C GLU A 361 2.24 -13.10 -10.61
N LEU A 362 1.37 -12.26 -11.14
CA LEU A 362 0.67 -11.32 -10.30
C LEU A 362 -0.55 -11.99 -9.69
N ILE A 363 -0.76 -11.74 -8.40
CA ILE A 363 -1.86 -12.35 -7.66
C ILE A 363 -2.54 -11.36 -6.73
N THR A 364 -3.74 -11.72 -6.30
CA THR A 364 -4.55 -10.96 -5.36
C THR A 364 -4.90 -11.87 -4.20
N ASP A 365 -4.65 -11.39 -2.97
CA ASP A 365 -5.07 -12.13 -1.80
C ASP A 365 -6.52 -12.58 -1.91
N ALA A 366 -6.72 -13.89 -1.69
CA ALA A 366 -8.04 -14.43 -1.64
C ALA A 366 -8.75 -14.04 -0.33
N PRO A 367 -10.07 -13.99 -0.34
CA PRO A 367 -10.81 -13.72 0.90
C PRO A 367 -10.64 -14.85 1.90
N ALA A 368 -10.89 -14.50 3.16
CA ALA A 368 -10.94 -15.51 4.18
C ALA A 368 -12.05 -16.52 3.86
N LYS A 369 -12.05 -17.64 4.55
CA LYS A 369 -13.21 -18.52 4.45
C LYS A 369 -14.41 -17.84 5.13
N GLU A 370 -15.60 -18.34 4.79
CA GLU A 370 -16.84 -17.77 5.31
C GLU A 370 -16.83 -17.83 6.83
N GLY A 371 -17.11 -16.69 7.46
CA GLY A 371 -17.04 -16.62 8.91
C GLY A 371 -15.67 -16.37 9.46
N GLN A 372 -14.65 -16.24 8.60
CA GLN A 372 -13.30 -15.99 9.06
C GLN A 372 -12.79 -14.64 8.59
N GLU A 373 -13.60 -13.88 7.86
CA GLU A 373 -13.23 -12.52 7.48
C GLU A 373 -12.72 -11.73 8.68
N ASP A 374 -13.26 -11.99 9.87
CA ASP A 374 -12.76 -11.34 11.07
C ASP A 374 -11.48 -11.97 11.62
N LEU A 375 -11.14 -13.19 11.21
CA LEU A 375 -10.15 -14.01 11.94
C LEU A 375 -8.76 -13.38 11.95
N LEU A 376 -8.30 -12.92 10.79
CA LEU A 376 -7.01 -12.25 10.74
C LEU A 376 -6.98 -11.02 11.64
N ALA A 377 -8.06 -10.23 11.65
CA ALA A 377 -8.12 -9.04 12.50
C ALA A 377 -8.17 -9.40 13.97
N ASN A 378 -8.89 -10.47 14.31
CA ASN A 378 -8.90 -10.95 15.68
C ASN A 378 -7.51 -11.37 16.16
N VAL A 379 -6.83 -12.26 15.41
CA VAL A 379 -5.48 -12.68 15.80
C VAL A 379 -4.55 -11.47 15.90
N ASN A 380 -4.56 -10.64 14.85
CA ASN A 380 -3.77 -9.40 14.87
C ASN A 380 -3.94 -8.64 16.16
N SER A 381 -5.20 -8.45 16.60
CA SER A 381 -5.46 -7.62 17.77
C SER A 381 -5.04 -8.33 19.04
N ASP A 382 -5.35 -9.63 19.15
CA ASP A 382 -4.92 -10.41 20.31
C ASP A 382 -3.40 -10.51 20.39
N SER A 383 -2.71 -10.50 19.25
CA SER A 383 -1.26 -10.72 19.25
C SER A 383 -0.50 -9.42 19.52
N GLU A 384 -1.14 -8.28 19.29
CA GLU A 384 -0.50 -6.97 19.44
C GLU A 384 0.67 -6.86 18.46
N LEU A 385 0.58 -7.57 17.35
CA LEU A 385 1.56 -7.49 16.29
C LEU A 385 1.17 -6.47 15.21
N GLY A 386 -0.08 -6.51 14.75
CA GLY A 386 -0.49 -5.46 13.85
C GLY A 386 0.02 -5.69 12.46
N ILE A 387 0.03 -6.95 12.04
CA ILE A 387 0.52 -7.37 10.70
C ILE A 387 -0.26 -6.55 9.66
N ASN A 388 0.41 -5.83 8.77
CA ASN A 388 -0.23 -5.04 7.70
C ASN A 388 -1.29 -4.15 8.31
N ASN A 389 -0.93 -3.40 9.32
CA ASN A 389 -1.90 -2.59 10.06
C ASN A 389 -1.25 -1.29 10.51
N GLY A 390 -0.13 -0.89 9.90
CA GLY A 390 0.53 0.32 10.29
C GLY A 390 1.28 0.24 11.60
N ASN A 391 1.32 -0.92 12.25
CA ASN A 391 2.24 -1.14 13.35
C ASN A 391 3.64 -1.25 12.76
N GLY A 392 4.17 -0.12 12.29
CA GLY A 392 5.53 -0.02 11.85
C GLY A 392 6.51 -0.01 12.99
N LYS A 393 6.04 0.05 14.24
CA LYS A 393 6.95 0.08 15.39
C LYS A 393 7.73 -1.24 15.52
N LYS A 394 7.07 -2.37 15.32
CA LYS A 394 7.81 -3.61 15.35
C LYS A 394 8.85 -3.69 14.23
N ILE A 395 8.66 -2.94 13.15
CA ILE A 395 9.64 -2.99 12.07
C ILE A 395 10.82 -2.12 12.40
N GLN A 396 10.55 -0.94 12.99
CA GLN A 396 11.62 -0.08 13.48
C GLN A 396 12.51 -0.84 14.43
N ASP A 397 11.91 -1.67 15.30
CA ASP A 397 12.67 -2.47 16.24
C ASP A 397 13.61 -3.43 15.54
N ILE A 398 13.19 -3.97 14.41
CA ILE A 398 14.12 -4.80 13.65
C ILE A 398 15.34 -3.98 13.28
N VAL A 399 15.10 -2.76 12.81
CA VAL A 399 16.19 -1.91 12.38
C VAL A 399 17.11 -1.64 13.55
N VAL A 400 16.51 -1.32 14.70
CA VAL A 400 17.29 -0.91 15.86
C VAL A 400 18.08 -2.08 16.41
N ASP A 401 17.50 -3.30 16.43
CA ASP A 401 18.23 -4.41 17.02
C ASP A 401 19.34 -4.90 16.10
N ALA A 402 19.14 -4.83 14.78
CA ALA A 402 20.18 -5.19 13.83
C ALA A 402 21.32 -4.21 13.93
N ALA A 403 21.01 -2.91 14.03
CA ALA A 403 22.06 -1.91 13.97
C ALA A 403 22.88 -1.94 15.25
N ASN A 404 22.22 -2.17 16.40
CA ASN A 404 22.92 -2.26 17.68
C ASN A 404 23.23 -3.69 18.08
N ARG A 405 23.01 -4.66 17.18
CA ARG A 405 23.39 -6.05 17.44
C ARG A 405 22.89 -6.48 18.82
N THR A 406 21.60 -6.23 19.07
CA THR A 406 21.00 -6.60 20.35
C THR A 406 20.36 -7.98 20.32
N ARG A 407 19.84 -8.40 19.17
CA ARG A 407 19.19 -9.70 19.05
C ARG A 407 19.41 -10.17 17.62
N THR A 408 19.26 -11.47 17.40
CA THR A 408 19.27 -12.01 16.05
C THR A 408 17.87 -11.92 15.44
N ILE A 409 17.80 -12.00 14.13
CA ILE A 409 16.49 -12.03 13.50
C ILE A 409 15.68 -13.21 14.01
N ASP A 410 16.35 -14.34 14.28
CA ASP A 410 15.57 -15.48 14.76
C ASP A 410 15.01 -15.25 16.16
N GLN A 411 15.70 -14.45 16.99
CA GLN A 411 15.16 -14.08 18.28
C GLN A 411 13.97 -13.16 18.12
N ILE A 412 14.06 -12.20 17.21
CA ILE A 412 12.93 -11.33 16.95
C ILE A 412 11.75 -12.15 16.46
N MET A 413 11.94 -12.94 15.42
CA MET A 413 10.82 -13.70 14.92
C MET A 413 10.28 -14.62 16.00
N ASP A 414 11.16 -15.11 16.87
CA ASP A 414 10.71 -16.02 17.91
C ASP A 414 9.75 -15.31 18.85
N GLU A 415 10.12 -14.11 19.30
CA GLU A 415 9.22 -13.32 20.13
C GLU A 415 7.88 -13.14 19.45
N TRP A 416 7.88 -12.62 18.21
CA TRP A 416 6.63 -12.46 17.49
C TRP A 416 5.84 -13.76 17.42
N ASN A 417 6.53 -14.88 17.22
CA ASN A 417 5.81 -16.12 17.06
C ASN A 417 5.09 -16.49 18.33
N GLN A 418 5.65 -16.13 19.49
CA GLN A 418 5.00 -16.48 20.75
C GLN A 418 3.77 -15.62 21.02
N LYS A 419 3.83 -14.30 20.75
CA LYS A 419 2.61 -13.48 20.75
C LYS A 419 1.57 -14.03 19.77
N TRP A 420 1.98 -14.32 18.54
CA TRP A 420 1.04 -14.77 17.54
C TRP A 420 0.43 -16.10 17.93
N ALA A 421 1.26 -17.02 18.44
CA ALA A 421 0.80 -18.35 18.76
C ALA A 421 -0.36 -18.33 19.75
N LYS A 422 -0.28 -17.45 20.77
CA LYS A 422 -1.34 -17.39 21.78
C LYS A 422 -2.61 -16.84 21.14
N ALA A 423 -2.46 -15.81 20.28
CA ALA A 423 -3.62 -15.22 19.62
C ALA A 423 -4.35 -16.22 18.73
N VAL A 424 -3.61 -17.00 17.97
CA VAL A 424 -4.22 -18.03 17.13
C VAL A 424 -4.96 -19.05 17.97
N GLU A 425 -4.28 -19.61 18.98
CA GLU A 425 -4.96 -20.52 19.91
C GLU A 425 -6.24 -19.90 20.46
N ASP A 426 -6.17 -18.62 20.88
CA ASP A 426 -7.34 -17.94 21.43
C ASP A 426 -8.46 -17.76 20.40
N ASN A 427 -8.16 -17.86 19.12
CA ASN A 427 -9.19 -17.79 18.11
C ASN A 427 -9.30 -19.04 17.23
#